data_4URZ
#
_entry.id   4URZ
#
_cell.length_a   150.206
_cell.length_b   150.206
_cell.length_c   201.622
_cell.angle_alpha   90.00
_cell.angle_beta   90.00
_cell.angle_gamma   90.00
#
_symmetry.space_group_name_H-M   'I 4 2 2'
#
loop_
_entity.id
_entity.type
_entity.pdbx_description
1 polymer 'GTPASE HRAS'
2 polymer 'SON OF SEVENLESS HOMOLOG 1'
3 non-polymer 1-[(4-aminophenyl)sulfonyl]piperidin-2-one
4 water water
#
loop_
_entity_poly.entity_id
_entity_poly.type
_entity_poly.pdbx_seq_one_letter_code
_entity_poly.pdbx_strand_id
1 'polypeptide(L)'
;MHHHHHHGGGENLYFQGSHMTEYKLVVVGAGGVGKSALTIQLIQNHFVDEYDPTIEDSYRKQVVIDGETCLLDILDTAGQ
EEYSAMRDQYMRTGEGFLCVFAINNTKSFEDIHQYREQIKRVKDSDDVPMVLVGNKCDLAARTVESRQAQDLARSYGIPY
IETSAKTRQGVEDAFYTLVREIRQH
;
R
2 'polypeptide(L)'
;MEEQMRLPSADVYRFAEPDSEENIIFEENMQPKAGIPIIKAGTVIKLIERLTYHMYADPNFVRTFLTTYRSFCKPQELLS
LIIERFEIPEPEPTEADRIAIENGDQPLSAELKRFRKEYIQPVQLRVLNVCRHWVEHHFYDFERDAYLLQRMEEFIGTVR
GKAMKKWVESITKIIQRKKIARDNGPGHNITFQSSPPTVEWHISRPGHIETFDLLTLHPIEIARQLTLLESDLYRAVQPS
ELVGSVWTKEDKEINSPNLLKMIRHTTNLTLWFEKCIVETENLEERVAVVSRIIEILQVFQELNNFNGVLEVVSAMNSSP
VYRLDHTFEQIPSRQKKILEEAHELSEDHYKKYLAKLRSINPPCVPFFGIYLTNILKTEEGNPEVLKRHGKELINFSKRR
KVAEITGEIQQYQNQPYCLRVESDIKRFFENLNPMGNSMEKEFTDYLFNKSLEIEPRNPKPLPRFPKKYSYPLKSPGVRP
SNPRPGT
;
S
#
# COMPACT_ATOMS: atom_id res chain seq x y z
N HIS A 19 10.68 9.42 -32.79
CA HIS A 19 10.58 9.51 -31.34
C HIS A 19 11.92 9.23 -30.65
N MET A 20 12.10 9.78 -29.43
CA MET A 20 13.33 9.51 -28.67
C MET A 20 13.13 8.14 -28.04
N THR A 21 14.23 7.43 -27.80
CA THR A 21 14.15 6.12 -27.20
C THR A 21 13.61 6.22 -25.76
N GLU A 22 12.78 5.27 -25.42
CA GLU A 22 12.22 5.12 -24.08
C GLU A 22 12.84 3.87 -23.47
N TYR A 23 13.42 3.99 -22.25
CA TYR A 23 13.96 2.84 -21.51
C TYR A 23 13.06 2.55 -20.31
N LYS A 24 12.54 1.33 -20.25
CA LYS A 24 11.73 0.83 -19.14
C LYS A 24 12.69 0.23 -18.11
N LEU A 25 12.92 0.94 -17.03
CA LEU A 25 13.85 0.52 -15.97
C LEU A 25 13.05 0.00 -14.79
N VAL A 26 13.60 -0.99 -14.07
CA VAL A 26 12.95 -1.58 -12.91
C VAL A 26 13.91 -1.60 -11.72
N VAL A 27 13.46 -1.07 -10.59
CA VAL A 27 14.20 -1.09 -9.36
C VAL A 27 13.70 -2.31 -8.57
N VAL A 28 14.60 -3.22 -8.17
CA VAL A 28 14.29 -4.40 -7.35
C VAL A 28 15.17 -4.38 -6.12
N GLY A 29 14.68 -4.98 -5.05
CA GLY A 29 15.45 -5.07 -3.83
C GLY A 29 14.60 -5.25 -2.59
N ALA A 30 15.26 -5.58 -1.48
CA ALA A 30 14.62 -5.73 -0.18
C ALA A 30 13.85 -4.46 0.23
N GLY A 31 12.75 -4.69 0.94
CA GLY A 31 11.97 -3.63 1.55
C GLY A 31 12.54 -3.25 2.91
N GLY A 32 12.11 -2.12 3.42
CA GLY A 32 12.46 -1.63 4.75
C GLY A 32 13.83 -1.01 4.90
N VAL A 33 14.56 -0.79 3.80
CA VAL A 33 15.93 -0.29 3.82
C VAL A 33 16.16 0.90 2.88
N GLY A 34 15.12 1.72 2.66
CA GLY A 34 15.25 2.95 1.89
C GLY A 34 15.53 2.91 0.40
N LYS A 35 15.20 1.80 -0.26
CA LYS A 35 15.36 1.58 -1.72
C LYS A 35 14.71 2.68 -2.56
N SER A 36 13.57 3.23 -2.10
CA SER A 36 12.79 4.27 -2.80
C SER A 36 13.53 5.62 -2.99
N ALA A 37 14.52 5.88 -2.18
CA ALA A 37 15.34 7.10 -2.26
C ALA A 37 16.09 7.23 -3.58
N LEU A 38 16.46 6.12 -4.20
CA LEU A 38 17.21 6.11 -5.46
C LEU A 38 16.47 6.86 -6.58
N THR A 39 15.24 6.44 -6.87
CA THR A 39 14.42 7.02 -7.94
C THR A 39 13.90 8.37 -7.51
N ILE A 40 13.52 8.51 -6.23
CA ILE A 40 13.04 9.80 -5.74
C ILE A 40 14.15 10.83 -5.97
N GLN A 41 15.39 10.54 -5.55
CA GLN A 41 16.48 11.48 -5.76
C GLN A 41 16.77 11.76 -7.22
N LEU A 42 16.71 10.73 -8.11
CA LEU A 42 16.90 10.92 -9.56
C LEU A 42 15.91 11.96 -10.14
N ILE A 43 14.63 11.73 -9.89
CA ILE A 43 13.53 12.55 -10.41
C ILE A 43 13.51 13.93 -9.76
N GLN A 44 13.83 14.06 -8.48
CA GLN A 44 13.87 15.37 -7.85
C GLN A 44 15.03 16.12 -8.50
N ASN A 45 14.83 17.40 -8.84
CA ASN A 45 15.89 18.17 -9.50
C ASN A 45 17.16 18.38 -8.64
N HIS A 46 17.08 18.07 -7.30
CA HIS A 46 18.00 18.43 -6.23
C HIS A 46 17.47 19.86 -5.97
N PHE A 47 17.75 20.49 -4.83
CA PHE A 47 17.21 21.84 -4.55
C PHE A 47 15.68 21.83 -4.19
N VAL A 48 14.83 20.98 -4.83
CA VAL A 48 13.39 20.85 -4.51
C VAL A 48 13.19 19.56 -3.68
N ASP A 49 12.53 19.66 -2.50
CA ASP A 49 12.20 18.52 -1.63
C ASP A 49 10.63 18.47 -1.48
N GLU A 50 9.91 18.17 -2.60
CA GLU A 50 8.44 18.18 -2.66
C GLU A 50 7.90 17.17 -3.73
N TYR A 51 7.91 15.85 -3.38
CA TYR A 51 7.54 14.73 -4.26
C TYR A 51 6.06 14.27 -4.17
N ASP A 52 5.43 14.10 -5.35
CA ASP A 52 4.09 13.55 -5.48
C ASP A 52 4.20 12.24 -6.30
N PRO A 53 4.11 11.04 -5.69
CA PRO A 53 4.23 9.81 -6.48
C PRO A 53 3.01 9.49 -7.36
N THR A 54 1.89 10.24 -7.20
CA THR A 54 0.64 10.04 -7.97
C THR A 54 0.68 10.62 -9.42
N ILE A 55 1.79 11.26 -9.89
CA ILE A 55 1.82 11.84 -11.25
C ILE A 55 2.93 11.25 -12.16
N GLU A 56 2.72 11.25 -13.52
CA GLU A 56 3.69 10.75 -14.54
C GLU A 56 5.11 11.30 -14.36
N ASP A 57 5.22 12.58 -14.04
CA ASP A 57 6.53 13.22 -13.88
C ASP A 57 7.35 12.72 -12.71
N SER A 58 6.71 11.98 -11.78
CA SER A 58 7.38 11.41 -10.63
C SER A 58 8.22 10.13 -11.02
N TYR A 59 7.89 9.48 -12.16
CA TYR A 59 8.60 8.28 -12.65
C TYR A 59 9.06 8.35 -14.12
N ARG A 60 8.86 9.47 -14.82
CA ARG A 60 9.31 9.64 -16.21
C ARG A 60 10.28 10.79 -16.24
N LYS A 61 11.43 10.58 -16.83
CA LYS A 61 12.45 11.63 -16.86
C LYS A 61 13.23 11.59 -18.16
N GLN A 62 13.23 12.72 -18.87
CA GLN A 62 14.02 12.92 -20.07
C GLN A 62 15.43 13.28 -19.63
N VAL A 63 16.42 12.53 -20.15
CA VAL A 63 17.82 12.71 -19.80
C VAL A 63 18.66 12.72 -21.06
N VAL A 64 19.92 13.16 -20.96
CA VAL A 64 20.89 13.11 -22.05
C VAL A 64 22.07 12.31 -21.51
N ILE A 65 22.36 11.17 -22.14
CA ILE A 65 23.44 10.24 -21.73
C ILE A 65 24.36 10.04 -22.94
N ASP A 66 25.66 10.40 -22.82
CA ASP A 66 26.65 10.31 -23.89
C ASP A 66 26.14 10.97 -25.19
N GLY A 67 25.60 12.18 -25.06
CA GLY A 67 25.07 12.95 -26.17
C GLY A 67 23.71 12.55 -26.71
N GLU A 68 23.17 11.39 -26.29
CA GLU A 68 21.93 10.84 -26.80
C GLU A 68 20.79 11.02 -25.80
N THR A 69 19.77 11.80 -26.22
CA THR A 69 18.55 12.08 -25.45
C THR A 69 17.66 10.86 -25.43
N CYS A 70 17.08 10.59 -24.26
CA CYS A 70 16.16 9.46 -24.04
C CYS A 70 15.25 9.76 -22.86
N LEU A 71 14.20 8.96 -22.73
CA LEU A 71 13.28 9.05 -21.63
C LEU A 71 13.42 7.79 -20.79
N LEU A 72 13.52 7.98 -19.49
CA LEU A 72 13.62 6.88 -18.53
C LEU A 72 12.28 6.71 -17.90
N ASP A 73 11.70 5.53 -18.07
CA ASP A 73 10.43 5.20 -17.48
C ASP A 73 10.80 4.20 -16.38
N ILE A 74 10.76 4.67 -15.13
CA ILE A 74 11.20 3.88 -13.99
C ILE A 74 10.08 3.30 -13.19
N LEU A 75 10.08 1.95 -13.03
CA LEU A 75 9.15 1.29 -12.16
C LEU A 75 9.83 0.90 -10.85
N ASP A 76 9.32 1.40 -9.74
CA ASP A 76 9.82 1.04 -8.44
C ASP A 76 8.59 0.72 -7.60
N THR A 77 8.33 -0.55 -7.33
CA THR A 77 7.16 -0.95 -6.53
C THR A 77 7.46 -0.97 -5.01
N ALA A 78 8.37 -0.10 -4.50
CA ALA A 78 8.71 -0.01 -3.08
C ALA A 78 7.41 0.04 -2.24
N GLY A 79 7.32 -0.83 -1.24
CA GLY A 79 6.17 -0.99 -0.36
C GLY A 79 5.35 -2.22 -0.67
N GLN A 80 5.52 -2.82 -1.89
CA GLN A 80 4.75 -4.00 -2.33
C GLN A 80 5.53 -5.30 -2.31
N GLU A 81 6.62 -5.37 -1.56
CA GLU A 81 7.46 -6.58 -1.52
C GLU A 81 6.74 -7.83 -1.03
N GLU A 82 5.74 -7.69 -0.15
CA GLU A 82 4.95 -8.85 0.31
C GLU A 82 4.11 -9.45 -0.79
N TYR A 83 3.81 -8.71 -1.86
CA TYR A 83 3.14 -9.29 -3.03
C TYR A 83 4.21 -10.00 -3.84
N SER A 84 4.72 -11.12 -3.29
CA SER A 84 5.85 -11.85 -3.87
C SER A 84 5.51 -12.64 -5.14
N ALA A 85 4.21 -12.89 -5.42
CA ALA A 85 3.77 -13.61 -6.61
C ALA A 85 3.40 -12.68 -7.79
N MET A 86 3.63 -11.36 -7.66
CA MET A 86 3.31 -10.33 -8.66
C MET A 86 4.57 -9.79 -9.39
N ARG A 87 5.75 -10.34 -9.16
CA ARG A 87 6.96 -9.74 -9.74
C ARG A 87 7.28 -10.10 -11.17
N ASP A 88 6.91 -11.31 -11.64
CA ASP A 88 7.28 -11.79 -12.99
C ASP A 88 6.87 -10.86 -14.13
N GLN A 89 5.75 -10.19 -14.00
CA GLN A 89 5.23 -9.21 -14.99
C GLN A 89 6.25 -8.10 -15.32
N TYR A 90 6.69 -7.33 -14.31
CA TYR A 90 7.64 -6.24 -14.51
C TYR A 90 9.05 -6.72 -14.88
N MET A 91 9.41 -7.91 -14.41
CA MET A 91 10.67 -8.51 -14.74
C MET A 91 10.70 -8.86 -16.24
N ARG A 92 9.55 -9.27 -16.80
CA ARG A 92 9.45 -9.62 -18.20
C ARG A 92 9.49 -8.38 -19.07
N THR A 93 8.77 -7.31 -18.68
CA THR A 93 8.69 -6.08 -19.48
C THR A 93 9.92 -5.16 -19.31
N GLY A 94 10.50 -5.11 -18.11
CA GLY A 94 11.65 -4.25 -17.86
C GLY A 94 12.79 -4.52 -18.79
N GLU A 95 13.47 -3.48 -19.26
CA GLU A 95 14.61 -3.61 -20.15
C GLU A 95 15.94 -3.66 -19.38
N GLY A 96 15.96 -3.07 -18.21
CA GLY A 96 17.14 -3.01 -17.36
C GLY A 96 16.72 -2.95 -15.92
N PHE A 97 17.53 -3.55 -15.05
CA PHE A 97 17.26 -3.68 -13.64
C PHE A 97 18.30 -3.07 -12.73
N LEU A 98 17.84 -2.26 -11.75
CA LEU A 98 18.70 -1.74 -10.67
C LEU A 98 18.41 -2.65 -9.49
N CYS A 99 19.37 -3.49 -9.11
CA CYS A 99 19.30 -4.41 -7.97
C CYS A 99 19.91 -3.71 -6.77
N VAL A 100 19.06 -3.25 -5.85
CA VAL A 100 19.43 -2.40 -4.73
C VAL A 100 19.43 -3.07 -3.38
N PHE A 101 20.52 -2.85 -2.65
CA PHE A 101 20.68 -3.30 -1.28
C PHE A 101 21.17 -2.10 -0.46
N ALA A 102 20.96 -2.18 0.84
CA ALA A 102 21.44 -1.16 1.77
C ALA A 102 22.80 -1.62 2.36
N ILE A 103 23.81 -0.73 2.35
CA ILE A 103 25.17 -1.05 2.79
C ILE A 103 25.25 -1.35 4.31
N ASN A 104 24.23 -0.95 5.06
CA ASN A 104 24.04 -1.20 6.48
C ASN A 104 23.13 -2.41 6.76
N ASN A 105 22.75 -3.21 5.74
CA ASN A 105 21.84 -4.33 5.92
C ASN A 105 22.30 -5.52 5.08
N THR A 106 22.93 -6.48 5.72
CA THR A 106 23.52 -7.65 5.08
C THR A 106 22.51 -8.56 4.42
N LYS A 107 21.36 -8.79 5.05
CA LYS A 107 20.31 -9.62 4.49
C LYS A 107 19.83 -9.03 3.12
N SER A 108 19.69 -7.70 3.00
CA SER A 108 19.34 -7.06 1.72
C SER A 108 20.37 -7.35 0.63
N PHE A 109 21.65 -7.45 1.00
CA PHE A 109 22.76 -7.80 0.08
C PHE A 109 22.67 -9.29 -0.33
N GLU A 110 22.46 -10.14 0.66
CA GLU A 110 22.28 -11.59 0.47
C GLU A 110 21.02 -11.90 -0.37
N ASP A 111 19.95 -11.07 -0.27
CA ASP A 111 18.74 -11.23 -1.10
C ASP A 111 18.94 -10.97 -2.60
N ILE A 112 20.01 -10.26 -3.00
CA ILE A 112 20.25 -9.94 -4.41
C ILE A 112 20.33 -11.19 -5.29
N HIS A 113 20.99 -12.23 -4.81
CA HIS A 113 21.16 -13.44 -5.60
C HIS A 113 19.85 -13.98 -6.13
N GLN A 114 18.79 -14.03 -5.30
CA GLN A 114 17.49 -14.55 -5.71
C GLN A 114 16.76 -13.61 -6.60
N TYR A 115 16.91 -12.30 -6.40
CA TYR A 115 16.32 -11.30 -7.29
C TYR A 115 16.90 -11.44 -8.69
N ARG A 116 18.22 -11.63 -8.80
CA ARG A 116 18.87 -11.83 -10.08
C ARG A 116 18.46 -13.15 -10.71
N GLU A 117 18.36 -14.23 -9.93
CA GLU A 117 17.91 -15.53 -10.44
C GLU A 117 16.50 -15.44 -11.01
N GLN A 118 15.58 -14.72 -10.35
CA GLN A 118 14.21 -14.57 -10.87
C GLN A 118 14.20 -13.84 -12.16
N ILE A 119 14.92 -12.71 -12.24
CA ILE A 119 14.99 -11.91 -13.45
C ILE A 119 15.48 -12.78 -14.64
N LYS A 120 16.57 -13.57 -14.42
CA LYS A 120 17.15 -14.46 -15.44
C LYS A 120 16.14 -15.49 -15.92
N ARG A 121 15.40 -16.07 -14.99
CA ARG A 121 14.38 -17.06 -15.30
C ARG A 121 13.29 -16.44 -16.15
N VAL A 122 12.74 -15.31 -15.68
CA VAL A 122 11.66 -14.58 -16.37
C VAL A 122 12.08 -14.09 -17.76
N LYS A 123 13.31 -13.60 -17.89
CA LYS A 123 13.83 -13.15 -19.19
C LYS A 123 14.29 -14.32 -20.04
N ASP A 124 14.50 -15.50 -19.43
CA ASP A 124 15.02 -16.70 -20.07
C ASP A 124 16.38 -16.36 -20.70
N SER A 125 17.26 -15.75 -19.88
CA SER A 125 18.57 -15.31 -20.35
C SER A 125 19.54 -15.09 -19.21
N ASP A 126 20.81 -15.40 -19.46
CA ASP A 126 21.91 -15.19 -18.51
C ASP A 126 22.55 -13.80 -18.71
N ASP A 127 22.16 -13.07 -19.78
CA ASP A 127 22.69 -11.77 -20.08
C ASP A 127 21.55 -10.75 -20.14
N VAL A 128 21.24 -10.16 -18.98
CA VAL A 128 20.17 -9.18 -18.82
C VAL A 128 20.81 -7.84 -18.38
N PRO A 129 20.52 -6.67 -19.00
CA PRO A 129 21.12 -5.42 -18.51
C PRO A 129 20.71 -5.15 -17.06
N MET A 130 21.71 -5.07 -16.21
CA MET A 130 21.54 -4.99 -14.78
C MET A 130 22.70 -4.29 -14.11
N VAL A 131 22.41 -3.55 -13.04
CA VAL A 131 23.43 -2.93 -12.20
C VAL A 131 23.15 -3.30 -10.75
N LEU A 132 24.21 -3.47 -9.96
CA LEU A 132 24.13 -3.72 -8.53
C LEU A 132 24.31 -2.34 -7.87
N VAL A 133 23.38 -1.95 -7.00
CA VAL A 133 23.44 -0.66 -6.33
C VAL A 133 23.50 -0.83 -4.82
N GLY A 134 24.55 -0.31 -4.21
CA GLY A 134 24.74 -0.30 -2.76
C GLY A 134 24.30 1.05 -2.28
N ASN A 135 23.23 1.12 -1.50
CA ASN A 135 22.66 2.40 -1.05
C ASN A 135 22.97 2.69 0.42
N LYS A 136 23.54 3.86 0.67
CA LYS A 136 23.89 4.34 2.00
C LYS A 136 22.69 5.18 2.37
N CYS A 137 21.71 4.54 3.06
CA CYS A 137 20.39 5.10 3.35
C CYS A 137 20.30 5.90 4.66
N ASP A 138 21.30 5.81 5.55
CA ASP A 138 21.30 6.59 6.79
C ASP A 138 22.71 6.63 7.43
N LEU A 139 22.81 7.31 8.59
CA LEU A 139 24.07 7.44 9.34
C LEU A 139 24.53 6.15 10.08
N ALA A 140 23.67 5.10 10.22
CA ALA A 140 24.06 3.83 10.88
C ALA A 140 25.28 3.15 10.22
N ALA A 141 25.90 2.22 10.96
CA ALA A 141 27.13 1.53 10.54
C ALA A 141 27.01 0.64 9.30
N ARG A 142 28.05 0.70 8.46
CA ARG A 142 28.17 -0.11 7.27
C ARG A 142 28.49 -1.52 7.68
N THR A 143 27.78 -2.49 7.11
CA THR A 143 28.02 -3.91 7.32
C THR A 143 28.43 -4.62 6.04
N VAL A 144 28.27 -3.99 4.86
CA VAL A 144 28.67 -4.58 3.59
C VAL A 144 29.75 -3.69 3.05
N GLU A 145 30.95 -4.21 2.98
CA GLU A 145 32.10 -3.50 2.42
C GLU A 145 32.03 -3.41 0.93
N SER A 146 32.53 -2.31 0.37
CA SER A 146 32.52 -2.10 -1.08
C SER A 146 33.19 -3.30 -1.83
N ARG A 147 34.30 -3.87 -1.31
CA ARG A 147 34.97 -5.02 -1.92
C ARG A 147 34.10 -6.27 -2.04
N GLN A 148 33.30 -6.59 -1.02
CA GLN A 148 32.34 -7.71 -1.10
C GLN A 148 31.35 -7.48 -2.22
N ALA A 149 30.81 -6.26 -2.29
CA ALA A 149 29.82 -5.89 -3.32
C ALA A 149 30.43 -5.87 -4.70
N GLN A 150 31.70 -5.45 -4.79
CA GLN A 150 32.43 -5.43 -6.07
C GLN A 150 32.75 -6.85 -6.55
N ASP A 151 33.09 -7.73 -5.64
CA ASP A 151 33.29 -9.14 -5.92
C ASP A 151 32.00 -9.81 -6.38
N LEU A 152 30.87 -9.53 -5.72
CA LEU A 152 29.58 -10.08 -6.17
C LEU A 152 29.24 -9.56 -7.54
N ALA A 153 29.36 -8.26 -7.77
CA ALA A 153 29.05 -7.72 -9.10
C ALA A 153 29.89 -8.30 -10.22
N ARG A 154 31.21 -8.52 -9.97
CA ARG A 154 32.13 -9.14 -10.94
C ARG A 154 31.76 -10.60 -11.21
N SER A 155 31.38 -11.37 -10.17
CA SER A 155 30.89 -12.77 -10.38
C SER A 155 29.65 -12.83 -11.26
N TYR A 156 28.80 -11.80 -11.22
CA TYR A 156 27.61 -11.72 -12.10
C TYR A 156 27.89 -11.09 -13.45
N GLY A 157 29.03 -10.42 -13.61
CA GLY A 157 29.37 -9.72 -14.85
C GLY A 157 28.63 -8.41 -15.02
N ILE A 158 28.35 -7.73 -13.90
CA ILE A 158 27.61 -6.48 -13.96
C ILE A 158 28.35 -5.39 -13.20
N PRO A 159 28.05 -4.10 -13.50
CA PRO A 159 28.67 -3.03 -12.71
C PRO A 159 28.08 -2.91 -11.30
N TYR A 160 28.87 -2.31 -10.43
CA TYR A 160 28.50 -1.97 -9.08
C TYR A 160 28.58 -0.45 -8.93
N ILE A 161 27.54 0.16 -8.34
CA ILE A 161 27.52 1.60 -8.06
C ILE A 161 27.07 1.84 -6.63
N GLU A 162 27.83 2.62 -5.83
CA GLU A 162 27.38 3.04 -4.51
C GLU A 162 26.76 4.42 -4.58
N THR A 163 25.65 4.58 -3.89
CA THR A 163 24.92 5.82 -3.86
C THR A 163 24.70 6.22 -2.43
N SER A 164 24.46 7.51 -2.22
CA SER A 164 24.07 8.05 -0.91
C SER A 164 22.62 8.54 -1.03
N ALA A 165 21.74 8.17 -0.06
CA ALA A 165 20.35 8.68 -0.07
C ALA A 165 20.26 10.14 0.42
N LYS A 166 21.23 10.61 1.17
CA LYS A 166 21.21 11.98 1.70
C LYS A 166 21.77 13.06 0.72
N THR A 167 22.86 12.74 0.00
CA THR A 167 23.59 13.70 -0.82
C THR A 167 23.34 13.62 -2.33
N ARG A 168 22.69 12.55 -2.83
CA ARG A 168 22.46 12.30 -4.25
C ARG A 168 23.72 11.78 -4.95
N GLN A 169 24.84 11.56 -4.25
CA GLN A 169 26.07 11.06 -4.86
C GLN A 169 25.85 9.66 -5.40
N GLY A 170 26.27 9.42 -6.63
CA GLY A 170 26.14 8.15 -7.33
C GLY A 170 24.80 7.85 -7.98
N VAL A 171 23.78 8.60 -7.68
CA VAL A 171 22.43 8.33 -8.18
C VAL A 171 22.35 8.39 -9.68
N GLU A 172 22.88 9.48 -10.23
CA GLU A 172 22.90 9.65 -11.69
C GLU A 172 23.70 8.55 -12.37
N ASP A 173 24.91 8.27 -11.83
CA ASP A 173 25.80 7.24 -12.32
C ASP A 173 25.14 5.86 -12.28
N ALA A 174 24.32 5.55 -11.26
CA ALA A 174 23.66 4.25 -11.22
C ALA A 174 22.67 4.08 -12.39
N PHE A 175 21.84 5.08 -12.66
CA PHE A 175 20.85 5.01 -13.76
C PHE A 175 21.49 5.13 -15.15
N TYR A 176 22.48 6.00 -15.31
CA TYR A 176 23.17 6.21 -16.59
C TYR A 176 23.98 4.96 -16.96
N THR A 177 24.68 4.35 -16.00
CA THR A 177 25.40 3.11 -16.26
C THR A 177 24.44 2.03 -16.75
N LEU A 178 23.24 1.94 -16.15
CA LEU A 178 22.23 0.96 -16.58
C LEU A 178 21.80 1.20 -18.01
N VAL A 179 21.59 2.45 -18.40
CA VAL A 179 21.21 2.78 -19.78
C VAL A 179 22.35 2.38 -20.75
N ARG A 180 23.61 2.59 -20.36
CA ARG A 180 24.75 2.14 -21.17
C ARG A 180 24.75 0.62 -21.32
N GLU A 181 24.41 -0.15 -20.24
CA GLU A 181 24.30 -1.62 -20.33
C GLU A 181 23.20 -2.04 -21.32
N ILE A 182 22.08 -1.33 -21.34
CA ILE A 182 20.98 -1.65 -22.28
C ILE A 182 21.49 -1.36 -23.70
N ARG A 183 22.01 -0.14 -23.91
CA ARG A 183 22.57 0.31 -25.21
C ARG A 183 23.62 -0.64 -25.78
N GLN A 184 24.48 -1.20 -24.91
CA GLN A 184 25.57 -2.08 -25.30
C GLN A 184 25.20 -3.55 -25.27
N HIS A 185 23.93 -3.89 -25.04
CA HIS A 185 23.47 -5.28 -24.98
C HIS A 185 23.52 -5.93 -26.36
N MET B 5 -8.82 41.63 20.16
CA MET B 5 -8.77 41.06 21.51
C MET B 5 -7.39 41.21 22.14
N ARG B 6 -7.36 41.25 23.49
CA ARG B 6 -6.13 41.33 24.27
C ARG B 6 -5.97 39.97 24.96
N LEU B 7 -5.11 39.11 24.38
CA LEU B 7 -4.87 37.76 24.87
C LEU B 7 -3.74 37.84 25.91
N PRO B 8 -3.58 36.86 26.83
CA PRO B 8 -2.48 36.94 27.80
C PRO B 8 -1.09 36.85 27.17
N SER B 9 -0.05 37.07 28.00
CA SER B 9 1.33 37.02 27.53
C SER B 9 1.78 35.59 27.21
N ALA B 10 2.84 35.45 26.41
CA ALA B 10 3.41 34.16 26.02
C ALA B 10 4.03 33.45 27.23
N ASP B 11 4.61 34.23 28.17
CA ASP B 11 5.24 33.70 29.39
C ASP B 11 4.25 32.96 30.30
N VAL B 12 2.95 33.33 30.26
CA VAL B 12 1.90 32.70 31.06
C VAL B 12 1.01 31.75 30.22
N TYR B 13 1.01 31.90 28.87
CA TYR B 13 0.20 31.07 27.96
C TYR B 13 0.86 30.97 26.57
N ARG B 14 1.50 29.81 26.29
CA ARG B 14 2.25 29.55 25.04
C ARG B 14 1.48 29.76 23.72
N PHE B 15 0.16 29.49 23.71
CA PHE B 15 -0.66 29.58 22.50
C PHE B 15 -1.09 31.00 22.10
N ALA B 16 -0.73 32.04 22.90
CA ALA B 16 -1.05 33.44 22.61
C ALA B 16 0.03 34.13 21.75
N GLU B 17 1.21 33.49 21.59
CA GLU B 17 2.30 34.05 20.77
C GLU B 17 1.75 34.28 19.36
N PRO B 18 1.90 35.47 18.77
CA PRO B 18 1.31 35.70 17.44
C PRO B 18 1.94 34.89 16.30
N ASP B 19 1.18 34.75 15.20
CA ASP B 19 1.62 34.05 14.01
C ASP B 19 2.77 34.81 13.36
N SER B 20 3.65 34.09 12.67
CA SER B 20 4.76 34.67 11.90
C SER B 20 5.30 33.63 10.93
N GLU B 21 6.16 34.06 10.02
CA GLU B 21 6.85 33.16 9.07
C GLU B 21 7.74 32.14 9.82
N GLU B 22 8.13 32.46 11.07
CA GLU B 22 8.96 31.61 11.92
C GLU B 22 8.19 30.51 12.64
N ASN B 23 6.85 30.55 12.66
CA ASN B 23 6.08 29.55 13.41
C ASN B 23 4.87 28.93 12.65
N ILE B 24 4.41 29.51 11.53
CA ILE B 24 3.27 28.95 10.79
C ILE B 24 3.25 29.45 9.34
N ILE B 25 3.09 28.52 8.38
CA ILE B 25 3.03 28.86 6.96
C ILE B 25 1.86 28.15 6.34
N PHE B 26 1.36 28.72 5.24
CA PHE B 26 0.15 28.24 4.61
C PHE B 26 0.35 27.93 3.17
N GLU B 27 -0.55 27.11 2.62
CA GLU B 27 -0.59 26.84 1.19
C GLU B 27 -1.33 28.04 0.57
N GLU B 28 -1.22 28.24 -0.74
CA GLU B 28 -1.89 29.36 -1.41
C GLU B 28 -3.43 29.23 -1.50
N ASN B 29 -3.98 27.99 -1.59
CA ASN B 29 -5.43 27.75 -1.68
C ASN B 29 -6.13 27.59 -0.32
N MET B 30 -7.48 27.66 -0.32
CA MET B 30 -8.31 27.48 0.86
C MET B 30 -8.96 26.10 0.80
N GLN B 31 -9.44 25.59 1.95
CA GLN B 31 -10.15 24.31 2.04
C GLN B 31 -11.37 24.44 1.12
N PRO B 32 -11.55 23.51 0.15
CA PRO B 32 -12.56 23.71 -0.92
C PRO B 32 -13.99 24.16 -0.52
N LYS B 33 -14.57 23.47 0.47
CA LYS B 33 -15.95 23.69 0.92
C LYS B 33 -16.07 24.67 2.13
N ALA B 34 -14.96 24.94 2.86
CA ALA B 34 -15.01 25.72 4.10
C ALA B 34 -14.48 27.14 3.99
N GLY B 35 -13.70 27.46 2.97
CA GLY B 35 -13.10 28.78 2.84
C GLY B 35 -12.02 29.10 3.88
N ILE B 36 -11.48 28.04 4.52
CA ILE B 36 -10.51 28.06 5.62
C ILE B 36 -9.12 27.92 5.04
N PRO B 37 -8.10 28.60 5.57
CA PRO B 37 -6.74 28.39 5.02
C PRO B 37 -6.20 26.97 5.25
N ILE B 38 -5.32 26.53 4.36
CA ILE B 38 -4.69 25.21 4.46
C ILE B 38 -3.29 25.38 5.10
N ILE B 39 -3.06 24.79 6.28
CA ILE B 39 -1.75 24.88 6.94
C ILE B 39 -0.75 23.98 6.21
N LYS B 40 0.40 24.53 5.87
CA LYS B 40 1.49 23.85 5.19
C LYS B 40 2.49 23.33 6.26
N ALA B 41 2.81 24.16 7.25
CA ALA B 41 3.73 23.79 8.30
C ALA B 41 3.58 24.67 9.49
N GLY B 42 4.06 24.20 10.62
CA GLY B 42 4.02 24.98 11.84
C GLY B 42 4.71 24.31 12.99
N THR B 43 5.01 25.07 14.04
CA THR B 43 5.52 24.46 15.28
C THR B 43 4.37 23.64 15.85
N VAL B 44 4.64 22.69 16.73
CA VAL B 44 3.58 21.89 17.35
C VAL B 44 2.59 22.78 18.12
N ILE B 45 3.09 23.82 18.81
CA ILE B 45 2.28 24.79 19.56
C ILE B 45 1.31 25.49 18.58
N LYS B 46 1.77 25.91 17.39
CA LYS B 46 0.88 26.53 16.39
C LYS B 46 -0.10 25.51 15.78
N LEU B 47 0.35 24.25 15.60
CA LEU B 47 -0.54 23.20 15.11
C LEU B 47 -1.63 22.90 16.16
N ILE B 48 -1.30 22.94 17.47
CA ILE B 48 -2.27 22.69 18.54
C ILE B 48 -3.25 23.87 18.65
N GLU B 49 -2.77 25.11 18.48
CA GLU B 49 -3.59 26.32 18.48
C GLU B 49 -4.64 26.24 17.35
N ARG B 50 -4.22 25.84 16.16
CA ARG B 50 -5.11 25.70 15.00
C ARG B 50 -6.01 24.48 15.06
N LEU B 51 -5.61 23.45 15.81
CA LEU B 51 -6.42 22.25 16.03
C LEU B 51 -7.64 22.60 16.88
N THR B 52 -7.53 23.62 17.74
CA THR B 52 -8.56 24.10 18.65
C THR B 52 -8.73 25.63 18.50
N TYR B 53 -8.85 26.08 17.26
CA TYR B 53 -8.92 27.52 16.98
C TYR B 53 -10.22 28.16 17.46
N HIS B 54 -10.13 29.39 17.99
CA HIS B 54 -11.32 30.08 18.52
C HIS B 54 -12.24 30.67 17.43
N MET B 55 -11.68 31.17 16.32
CA MET B 55 -12.45 31.81 15.25
C MET B 55 -13.41 30.90 14.49
N TYR B 56 -13.09 29.59 14.38
CA TYR B 56 -13.93 28.63 13.65
C TYR B 56 -13.51 27.18 13.88
N ALA B 57 -14.41 26.26 13.56
CA ALA B 57 -14.17 24.81 13.61
C ALA B 57 -13.38 24.42 12.34
N ASP B 58 -12.53 23.37 12.44
CA ASP B 58 -11.70 22.92 11.31
C ASP B 58 -11.67 21.39 11.30
N PRO B 59 -12.81 20.74 10.99
CA PRO B 59 -12.88 19.27 11.05
C PRO B 59 -11.90 18.52 10.16
N ASN B 60 -11.51 19.08 9.00
CA ASN B 60 -10.57 18.42 8.09
C ASN B 60 -9.18 18.37 8.68
N PHE B 61 -8.77 19.46 9.30
CA PHE B 61 -7.50 19.57 10.00
C PHE B 61 -7.48 18.64 11.21
N VAL B 62 -8.57 18.57 11.98
CA VAL B 62 -8.70 17.71 13.17
C VAL B 62 -8.57 16.24 12.76
N ARG B 63 -9.27 15.86 11.71
CA ARG B 63 -9.22 14.50 11.20
C ARG B 63 -7.81 14.13 10.73
N THR B 64 -7.19 15.01 9.94
CA THR B 64 -5.85 14.80 9.41
C THR B 64 -4.85 14.76 10.52
N PHE B 65 -4.91 15.73 11.46
CA PHE B 65 -3.99 15.80 12.58
C PHE B 65 -4.06 14.51 13.40
N LEU B 66 -5.27 14.05 13.75
CA LEU B 66 -5.38 12.85 14.60
C LEU B 66 -4.99 11.57 13.90
N THR B 67 -5.06 11.52 12.56
CA THR B 67 -4.64 10.35 11.80
C THR B 67 -3.10 10.26 11.71
N THR B 68 -2.43 11.40 11.67
CA THR B 68 -1.00 11.47 11.39
C THR B 68 -0.06 12.10 12.42
N TYR B 69 -0.52 12.58 13.57
CA TYR B 69 0.35 13.30 14.48
C TYR B 69 1.51 12.51 15.09
N ARG B 70 1.39 11.19 15.18
CA ARG B 70 2.34 10.34 15.88
C ARG B 70 3.76 10.36 15.30
N SER B 71 3.95 10.81 14.02
CA SER B 71 5.29 10.98 13.46
C SER B 71 6.02 12.18 14.04
N PHE B 72 5.29 13.19 14.63
CA PHE B 72 5.94 14.39 15.19
C PHE B 72 5.60 14.70 16.64
N CYS B 73 4.74 13.91 17.26
CA CYS B 73 4.27 14.19 18.59
C CYS B 73 3.74 12.90 19.20
N LYS B 74 4.17 12.56 20.41
CA LYS B 74 3.72 11.33 21.05
C LYS B 74 2.32 11.51 21.61
N PRO B 75 1.50 10.45 21.70
CA PRO B 75 0.15 10.60 22.28
C PRO B 75 0.13 11.26 23.65
N GLN B 76 1.12 10.92 24.49
CA GLN B 76 1.26 11.43 25.85
C GLN B 76 1.54 12.93 25.80
N GLU B 77 2.42 13.38 24.87
CA GLU B 77 2.71 14.80 24.66
C GLU B 77 1.50 15.57 24.12
N LEU B 78 0.65 14.96 23.27
CA LEU B 78 -0.52 15.62 22.69
C LEU B 78 -1.55 15.93 23.75
N LEU B 79 -1.83 14.95 24.61
CA LEU B 79 -2.76 15.10 25.71
C LEU B 79 -2.32 16.22 26.65
N SER B 80 -0.99 16.38 26.86
CA SER B 80 -0.49 17.45 27.71
C SER B 80 -0.76 18.78 27.09
N LEU B 81 -0.42 18.91 25.79
CA LEU B 81 -0.59 20.14 25.05
C LEU B 81 -2.05 20.58 24.95
N ILE B 82 -3.02 19.66 24.78
CA ILE B 82 -4.44 20.03 24.72
C ILE B 82 -4.98 20.36 26.12
N ILE B 83 -4.37 19.81 27.19
CA ILE B 83 -4.73 20.13 28.57
C ILE B 83 -4.17 21.52 28.87
N GLU B 84 -2.94 21.82 28.42
CA GLU B 84 -2.34 23.13 28.60
C GLU B 84 -3.15 24.19 27.87
N ARG B 85 -3.63 23.85 26.65
CA ARG B 85 -4.46 24.69 25.79
C ARG B 85 -5.80 25.05 26.47
N PHE B 86 -6.39 24.12 27.21
CA PHE B 86 -7.66 24.29 27.91
C PHE B 86 -7.54 25.22 29.13
N GLU B 87 -6.36 25.25 29.78
CA GLU B 87 -6.10 26.06 30.98
C GLU B 87 -5.64 27.44 30.55
N ILE B 88 -6.61 28.26 30.10
CA ILE B 88 -6.40 29.61 29.61
C ILE B 88 -6.47 30.55 30.81
N PRO B 89 -5.37 31.28 31.12
CA PRO B 89 -5.44 32.25 32.21
C PRO B 89 -6.09 33.55 31.72
N GLU B 90 -6.68 34.31 32.65
CA GLU B 90 -7.31 35.61 32.33
C GLU B 90 -6.19 36.65 32.11
N PRO B 91 -6.30 37.59 31.14
CA PRO B 91 -5.22 38.58 30.97
C PRO B 91 -5.01 39.48 32.20
N GLU B 92 -3.75 39.94 32.43
CA GLU B 92 -3.41 40.80 33.57
C GLU B 92 -4.28 42.09 33.57
N PRO B 93 -5.08 42.35 34.64
CA PRO B 93 -5.96 43.53 34.62
C PRO B 93 -5.22 44.85 34.80
C LEU B 108 -17.13 42.83 34.47
N SER B 109 -16.00 42.91 33.74
CA SER B 109 -15.72 44.02 32.83
C SER B 109 -16.07 43.65 31.37
N ALA B 110 -16.00 44.64 30.45
CA ALA B 110 -16.30 44.44 29.02
C ALA B 110 -15.26 43.55 28.33
N GLU B 111 -13.97 43.66 28.74
CA GLU B 111 -12.90 42.85 28.20
C GLU B 111 -13.02 41.39 28.67
N LEU B 112 -13.18 41.19 29.99
CA LEU B 112 -13.31 39.85 30.59
C LEU B 112 -14.57 39.08 30.13
N LYS B 113 -15.68 39.78 29.84
CA LYS B 113 -16.93 39.12 29.41
C LYS B 113 -16.86 38.60 27.98
N ARG B 114 -16.17 39.35 27.09
CA ARG B 114 -16.03 38.96 25.67
C ARG B 114 -14.93 37.90 25.52
N PHE B 115 -13.86 37.97 26.34
CA PHE B 115 -12.76 37.00 26.32
C PHE B 115 -13.28 35.60 26.73
N ARG B 116 -14.12 35.54 27.78
CA ARG B 116 -14.72 34.28 28.23
C ARG B 116 -15.67 33.66 27.18
N LYS B 117 -16.41 34.49 26.41
CA LYS B 117 -17.39 34.01 25.43
C LYS B 117 -16.85 33.83 24.00
N GLU B 118 -15.83 34.63 23.59
CA GLU B 118 -15.25 34.58 22.24
C GLU B 118 -13.86 33.92 22.15
N TYR B 119 -13.26 33.51 23.28
CA TYR B 119 -11.95 32.84 23.27
C TYR B 119 -11.93 31.62 24.18
N ILE B 120 -12.18 31.79 25.50
CA ILE B 120 -12.15 30.66 26.44
C ILE B 120 -13.19 29.62 26.08
N GLN B 121 -14.48 29.99 26.08
CA GLN B 121 -15.51 29.01 25.78
C GLN B 121 -15.28 28.31 24.42
N PRO B 122 -15.08 28.98 23.27
CA PRO B 122 -14.83 28.23 22.01
C PRO B 122 -13.59 27.32 22.02
N VAL B 123 -12.46 27.78 22.57
CA VAL B 123 -11.21 26.99 22.63
C VAL B 123 -11.43 25.73 23.47
N GLN B 124 -12.00 25.91 24.67
CA GLN B 124 -12.32 24.81 25.58
C GLN B 124 -13.25 23.80 24.91
N LEU B 125 -14.20 24.28 24.12
CA LEU B 125 -15.14 23.40 23.41
C LEU B 125 -14.43 22.68 22.25
N ARG B 126 -13.46 23.33 21.59
CA ARG B 126 -12.70 22.68 20.52
C ARG B 126 -11.77 21.60 21.09
N VAL B 127 -11.22 21.81 22.30
CA VAL B 127 -10.39 20.81 23.00
C VAL B 127 -11.23 19.55 23.22
N LEU B 128 -12.44 19.69 23.76
CA LEU B 128 -13.34 18.56 23.98
C LEU B 128 -13.71 17.84 22.68
N ASN B 129 -13.87 18.59 21.57
CA ASN B 129 -14.14 18.03 20.24
C ASN B 129 -12.94 17.15 19.78
N VAL B 130 -11.71 17.62 20.03
CA VAL B 130 -10.48 16.87 19.74
C VAL B 130 -10.48 15.57 20.62
N CYS B 131 -10.77 15.71 21.93
CA CYS B 131 -10.83 14.54 22.84
C CYS B 131 -11.87 13.54 22.36
N ARG B 132 -13.03 14.02 21.90
CA ARG B 132 -14.12 13.16 21.44
C ARG B 132 -13.78 12.41 20.18
N HIS B 133 -13.16 13.10 19.24
CA HIS B 133 -12.77 12.52 17.94
C HIS B 133 -11.60 11.52 18.15
N TRP B 134 -10.69 11.84 19.09
CA TRP B 134 -9.56 11.00 19.45
C TRP B 134 -10.04 9.65 20.02
N VAL B 135 -10.91 9.71 21.03
CA VAL B 135 -11.44 8.49 21.65
C VAL B 135 -12.32 7.71 20.69
N GLU B 136 -13.02 8.37 19.77
CA GLU B 136 -13.93 7.69 18.86
C GLU B 136 -13.24 7.03 17.67
N HIS B 137 -12.31 7.74 17.02
CA HIS B 137 -11.67 7.24 15.81
C HIS B 137 -10.26 6.73 15.99
N HIS B 138 -9.58 7.04 17.12
CA HIS B 138 -8.20 6.58 17.32
C HIS B 138 -8.03 6.04 18.75
N PHE B 139 -8.98 5.17 19.15
CA PHE B 139 -8.99 4.59 20.48
C PHE B 139 -7.77 3.68 20.76
N TYR B 140 -7.16 3.09 19.72
CA TYR B 140 -5.94 2.27 19.83
C TYR B 140 -4.81 2.99 20.61
N ASP B 141 -4.73 4.33 20.62
CA ASP B 141 -3.70 5.01 21.42
C ASP B 141 -3.90 4.71 22.91
N PHE B 142 -5.17 4.63 23.34
CA PHE B 142 -5.60 4.41 24.72
C PHE B 142 -5.52 2.95 25.07
N GLU B 143 -5.89 2.07 24.13
CA GLU B 143 -5.76 0.62 24.27
C GLU B 143 -4.30 0.21 24.49
N ARG B 144 -3.38 0.88 23.79
CA ARG B 144 -1.97 0.53 23.83
C ARG B 144 -1.22 1.17 24.98
N ASP B 145 -1.83 2.16 25.64
CA ASP B 145 -1.25 2.89 26.75
C ASP B 145 -2.37 3.19 27.75
N ALA B 146 -2.55 2.32 28.76
CA ALA B 146 -3.56 2.48 29.81
C ALA B 146 -3.37 3.78 30.62
N TYR B 147 -2.15 4.29 30.74
CA TYR B 147 -1.92 5.53 31.46
C TYR B 147 -2.42 6.73 30.67
N LEU B 148 -2.48 6.65 29.33
CA LEU B 148 -3.03 7.72 28.50
C LEU B 148 -4.53 7.86 28.78
N LEU B 149 -5.24 6.73 28.85
CA LEU B 149 -6.66 6.73 29.17
C LEU B 149 -6.93 7.23 30.60
N GLN B 150 -6.03 6.94 31.57
CA GLN B 150 -6.15 7.41 32.97
C GLN B 150 -6.16 8.92 32.98
N ARG B 151 -5.16 9.54 32.33
CA ARG B 151 -5.03 10.99 32.24
C ARG B 151 -6.21 11.66 31.50
N MET B 152 -6.81 10.94 30.53
CA MET B 152 -7.95 11.48 29.74
C MET B 152 -9.18 11.49 30.64
N GLU B 153 -9.38 10.41 31.40
CA GLU B 153 -10.51 10.30 32.32
C GLU B 153 -10.38 11.32 33.47
N GLU B 154 -9.16 11.52 34.01
CA GLU B 154 -8.91 12.51 35.07
C GLU B 154 -9.34 13.89 34.56
N PHE B 155 -8.68 14.35 33.46
CA PHE B 155 -8.93 15.64 32.83
C PHE B 155 -10.40 15.87 32.49
N ILE B 156 -11.09 14.87 31.95
CA ILE B 156 -12.51 14.99 31.61
C ILE B 156 -13.37 15.12 32.88
N GLY B 157 -12.93 14.47 33.97
CA GLY B 157 -13.55 14.58 35.29
C GLY B 157 -13.37 15.95 35.92
N THR B 158 -12.28 16.69 35.60
CA THR B 158 -12.04 18.05 36.11
C THR B 158 -12.82 19.13 35.33
N VAL B 159 -13.42 18.81 34.17
CA VAL B 159 -14.12 19.81 33.35
C VAL B 159 -15.43 20.19 34.05
N ARG B 160 -15.60 21.50 34.32
CA ARG B 160 -16.79 22.03 34.99
C ARG B 160 -17.43 23.16 34.19
N GLY B 161 -18.72 23.04 33.94
CA GLY B 161 -19.50 24.00 33.18
C GLY B 161 -20.67 23.33 32.49
N LYS B 162 -21.85 23.98 32.50
CA LYS B 162 -23.04 23.43 31.86
C LYS B 162 -22.86 23.37 30.35
N ALA B 163 -22.05 24.31 29.79
CA ALA B 163 -21.72 24.38 28.37
C ALA B 163 -21.00 23.10 27.91
N MET B 164 -19.99 22.68 28.69
CA MET B 164 -19.15 21.51 28.41
C MET B 164 -19.81 20.18 28.82
N LYS B 165 -20.62 20.19 29.91
CA LYS B 165 -21.32 19.01 30.48
C LYS B 165 -21.85 17.99 29.45
N LYS B 166 -22.52 18.49 28.41
CA LYS B 166 -23.10 17.67 27.33
C LYS B 166 -22.01 16.94 26.52
N TRP B 167 -20.90 17.64 26.22
CA TRP B 167 -19.78 17.10 25.46
C TRP B 167 -18.93 16.17 26.37
N VAL B 168 -18.75 16.54 27.67
CA VAL B 168 -18.08 15.72 28.71
C VAL B 168 -18.80 14.37 28.88
N GLU B 169 -20.15 14.36 28.88
CA GLU B 169 -20.93 13.12 29.03
C GLU B 169 -20.82 12.26 27.81
N SER B 170 -20.78 12.86 26.62
CA SER B 170 -20.64 12.13 25.35
C SER B 170 -19.26 11.40 25.30
N ILE B 171 -18.19 12.06 25.76
CA ILE B 171 -16.85 11.48 25.77
C ILE B 171 -16.81 10.28 26.74
N THR B 172 -17.41 10.42 27.93
CA THR B 172 -17.47 9.34 28.92
C THR B 172 -18.23 8.12 28.36
N LYS B 173 -19.27 8.33 27.56
CA LYS B 173 -20.04 7.23 26.95
C LYS B 173 -19.23 6.52 25.87
N ILE B 174 -18.47 7.28 25.03
CA ILE B 174 -17.63 6.69 23.98
C ILE B 174 -16.54 5.85 24.69
N ILE B 175 -15.87 6.42 25.70
CA ILE B 175 -14.80 5.74 26.44
C ILE B 175 -15.28 4.38 26.95
N GLN B 176 -16.35 4.39 27.77
CA GLN B 176 -16.96 3.19 28.36
C GLN B 176 -17.39 2.14 27.31
N ARG B 177 -17.93 2.58 26.19
CA ARG B 177 -18.30 1.68 25.09
C ARG B 177 -17.04 1.09 24.41
N LYS B 178 -15.99 1.91 24.27
CA LYS B 178 -14.75 1.50 23.62
C LYS B 178 -13.99 0.53 24.51
N LYS B 179 -14.14 0.66 25.84
CA LYS B 179 -13.53 -0.26 26.80
C LYS B 179 -14.26 -1.63 26.81
N ILE B 180 -15.61 -1.62 26.66
CA ILE B 180 -16.42 -2.84 26.70
C ILE B 180 -16.24 -3.69 25.44
N ALA B 181 -16.14 -3.07 24.25
CA ALA B 181 -15.91 -3.75 22.97
C ALA B 181 -16.85 -4.95 22.74
N PHE B 192 -28.27 -5.52 5.68
CA PHE B 192 -29.14 -4.35 5.54
C PHE B 192 -29.42 -4.02 4.04
N GLN B 193 -29.97 -5.00 3.30
CA GLN B 193 -30.31 -4.89 1.86
C GLN B 193 -31.60 -5.73 1.57
N SER B 194 -31.86 -6.07 0.28
CA SER B 194 -32.92 -7.01 -0.14
C SER B 194 -32.24 -8.43 -0.23
N SER B 195 -32.95 -9.46 -0.76
CA SER B 195 -32.35 -10.82 -0.78
C SER B 195 -31.12 -10.98 -1.72
N PRO B 196 -30.03 -11.62 -1.24
CA PRO B 196 -28.89 -11.87 -2.10
C PRO B 196 -29.17 -12.98 -3.09
N PRO B 197 -28.38 -13.07 -4.18
CA PRO B 197 -28.60 -14.17 -5.15
C PRO B 197 -28.43 -15.57 -4.55
N THR B 198 -29.00 -16.56 -5.22
CA THR B 198 -28.94 -17.97 -4.78
C THR B 198 -27.51 -18.49 -4.93
N VAL B 199 -27.06 -19.32 -3.99
CA VAL B 199 -25.74 -19.93 -3.99
C VAL B 199 -25.68 -20.95 -5.12
N GLU B 200 -24.59 -20.91 -5.90
CA GLU B 200 -24.38 -21.77 -7.06
C GLU B 200 -23.57 -22.98 -6.69
N TRP B 201 -24.01 -24.14 -7.20
CA TRP B 201 -23.38 -25.45 -6.99
C TRP B 201 -23.16 -26.12 -8.35
N HIS B 202 -22.03 -26.81 -8.51
CA HIS B 202 -21.71 -27.52 -9.75
C HIS B 202 -21.58 -29.03 -9.44
N ILE B 203 -20.37 -29.63 -9.47
CA ILE B 203 -20.21 -31.06 -9.21
C ILE B 203 -20.34 -31.32 -7.72
N SER B 204 -19.58 -30.57 -6.88
CA SER B 204 -19.64 -30.74 -5.43
C SER B 204 -21.01 -30.27 -4.94
N ARG B 205 -21.58 -31.00 -4.00
CA ARG B 205 -22.90 -30.68 -3.47
C ARG B 205 -22.75 -30.03 -2.10
N PRO B 206 -23.78 -29.31 -1.60
CA PRO B 206 -23.66 -28.70 -0.28
C PRO B 206 -23.25 -29.70 0.80
N GLY B 207 -22.19 -29.35 1.54
CA GLY B 207 -21.67 -30.19 2.62
C GLY B 207 -20.63 -31.21 2.24
N HIS B 208 -20.40 -31.46 0.93
CA HIS B 208 -19.41 -32.44 0.47
C HIS B 208 -18.07 -31.72 0.27
N ILE B 209 -17.55 -31.21 1.39
CA ILE B 209 -16.33 -30.41 1.48
C ILE B 209 -15.07 -31.16 1.03
N GLU B 210 -15.08 -32.49 1.13
CA GLU B 210 -13.96 -33.35 0.78
C GLU B 210 -13.69 -33.34 -0.75
N THR B 211 -14.73 -33.06 -1.56
CA THR B 211 -14.60 -33.00 -3.02
C THR B 211 -14.39 -31.56 -3.56
N PHE B 212 -14.47 -30.52 -2.68
CA PHE B 212 -14.30 -29.12 -3.12
C PHE B 212 -12.94 -28.95 -3.75
N ASP B 213 -12.93 -28.32 -4.92
CA ASP B 213 -11.73 -28.04 -5.68
C ASP B 213 -12.08 -27.03 -6.76
N LEU B 214 -11.07 -26.53 -7.48
CA LEU B 214 -11.23 -25.53 -8.53
C LEU B 214 -12.33 -25.88 -9.54
N LEU B 215 -12.30 -27.10 -10.07
CA LEU B 215 -13.24 -27.53 -11.11
C LEU B 215 -14.61 -28.06 -10.59
N THR B 216 -14.67 -28.55 -9.35
CA THR B 216 -15.91 -29.13 -8.80
C THR B 216 -16.81 -28.08 -8.14
N LEU B 217 -16.22 -26.98 -7.63
CA LEU B 217 -17.02 -25.88 -7.10
C LEU B 217 -17.53 -25.09 -8.32
N HIS B 218 -18.62 -24.31 -8.15
CA HIS B 218 -19.14 -23.53 -9.28
C HIS B 218 -18.26 -22.28 -9.48
N PRO B 219 -17.81 -21.95 -10.72
CA PRO B 219 -16.96 -20.75 -10.90
C PRO B 219 -17.58 -19.44 -10.39
N ILE B 220 -18.93 -19.29 -10.51
CA ILE B 220 -19.60 -18.11 -9.99
C ILE B 220 -19.38 -18.03 -8.50
N GLU B 221 -19.61 -19.15 -7.79
CA GLU B 221 -19.51 -19.20 -6.34
C GLU B 221 -18.08 -19.08 -5.79
N ILE B 222 -17.08 -19.55 -6.53
CA ILE B 222 -15.65 -19.40 -6.16
C ILE B 222 -15.38 -17.91 -6.13
N ALA B 223 -15.77 -17.21 -7.18
CA ALA B 223 -15.58 -15.76 -7.26
C ALA B 223 -16.32 -15.00 -6.17
N ARG B 224 -17.58 -15.37 -5.90
CA ARG B 224 -18.38 -14.67 -4.88
C ARG B 224 -17.77 -14.82 -3.50
N GLN B 225 -17.44 -16.07 -3.11
CA GLN B 225 -16.85 -16.34 -1.81
C GLN B 225 -15.47 -15.71 -1.63
N LEU B 226 -14.65 -15.72 -2.68
CA LEU B 226 -13.34 -15.05 -2.62
C LEU B 226 -13.50 -13.54 -2.53
N THR B 227 -14.52 -12.98 -3.19
CA THR B 227 -14.82 -11.55 -3.13
C THR B 227 -15.28 -11.17 -1.73
N LEU B 228 -16.10 -12.01 -1.11
CA LEU B 228 -16.53 -11.78 0.27
C LEU B 228 -15.31 -11.82 1.22
N LEU B 229 -14.48 -12.86 1.12
CA LEU B 229 -13.26 -12.98 1.94
C LEU B 229 -12.34 -11.78 1.76
N GLU B 230 -12.05 -11.44 0.51
CA GLU B 230 -11.16 -10.32 0.13
C GLU B 230 -11.74 -8.96 0.49
N SER B 231 -13.08 -8.83 0.48
CA SER B 231 -13.75 -7.60 0.85
C SER B 231 -13.56 -7.41 2.35
N ASP B 232 -13.83 -8.45 3.15
CA ASP B 232 -13.59 -8.38 4.60
C ASP B 232 -12.12 -8.11 4.97
N LEU B 233 -11.16 -8.71 4.25
CA LEU B 233 -9.72 -8.47 4.49
C LEU B 233 -9.38 -7.02 4.18
N TYR B 234 -9.92 -6.50 3.09
CA TYR B 234 -9.71 -5.12 2.72
C TYR B 234 -10.30 -4.16 3.80
N ARG B 235 -11.54 -4.40 4.25
CA ARG B 235 -12.26 -3.56 5.22
C ARG B 235 -11.61 -3.54 6.61
N ALA B 236 -10.88 -4.60 7.00
CA ALA B 236 -10.24 -4.69 8.30
C ALA B 236 -8.95 -3.90 8.39
N VAL B 237 -8.41 -3.38 7.27
CA VAL B 237 -7.15 -2.63 7.32
C VAL B 237 -7.40 -1.19 7.82
N GLN B 238 -6.74 -0.81 8.92
CA GLN B 238 -6.86 0.51 9.54
C GLN B 238 -5.70 1.43 9.19
N PRO B 239 -5.91 2.76 9.20
CA PRO B 239 -4.81 3.69 8.94
C PRO B 239 -3.62 3.54 9.87
N SER B 240 -3.77 3.05 11.12
CA SER B 240 -2.67 2.79 12.07
C SER B 240 -1.65 1.75 11.52
N GLU B 241 -2.09 0.91 10.58
CA GLU B 241 -1.26 -0.09 9.92
C GLU B 241 -0.47 0.49 8.74
N LEU B 242 -0.76 1.74 8.34
CA LEU B 242 -0.19 2.36 7.15
C LEU B 242 0.58 3.63 7.40
N VAL B 243 0.07 4.50 8.27
CA VAL B 243 0.73 5.78 8.56
C VAL B 243 2.09 5.48 9.14
N GLY B 244 3.09 6.19 8.65
CA GLY B 244 4.47 5.94 9.06
C GLY B 244 5.12 4.76 8.36
N SER B 245 4.48 4.18 7.27
CA SER B 245 5.00 3.05 6.47
C SER B 245 5.35 1.86 7.37
N VAL B 246 4.54 1.61 8.41
CA VAL B 246 4.90 0.62 9.43
C VAL B 246 4.87 -0.83 8.95
N TRP B 247 4.21 -1.12 7.83
CA TRP B 247 4.13 -2.47 7.25
C TRP B 247 5.48 -2.93 6.59
N THR B 248 6.42 -1.99 6.43
CA THR B 248 7.74 -2.22 5.85
C THR B 248 8.84 -2.25 6.95
N LYS B 249 8.53 -1.86 8.20
CA LYS B 249 9.51 -1.77 9.28
C LYS B 249 9.62 -3.13 10.01
N GLU B 250 10.60 -3.27 10.88
CA GLU B 250 10.86 -4.58 11.55
C GLU B 250 9.72 -5.11 12.41
N ASP B 251 8.83 -4.22 12.91
CA ASP B 251 7.64 -4.60 13.70
C ASP B 251 6.38 -4.72 12.87
N LYS B 252 6.50 -4.85 11.54
CA LYS B 252 5.34 -4.98 10.66
C LYS B 252 4.30 -6.02 11.11
N GLU B 253 4.73 -7.17 11.65
CA GLU B 253 3.80 -8.21 12.08
C GLU B 253 2.95 -7.78 13.27
N ILE B 254 3.47 -6.87 14.10
CA ILE B 254 2.76 -6.30 15.23
C ILE B 254 1.85 -5.15 14.78
N ASN B 255 2.39 -4.25 13.98
CA ASN B 255 1.67 -3.04 13.61
C ASN B 255 0.76 -3.13 12.40
N SER B 256 0.98 -4.08 11.49
CA SER B 256 0.15 -4.16 10.28
C SER B 256 -0.38 -5.55 10.05
N PRO B 257 -0.98 -6.22 11.07
CA PRO B 257 -1.39 -7.60 10.89
C PRO B 257 -2.50 -7.86 9.90
N ASN B 258 -3.45 -6.94 9.79
CA ASN B 258 -4.59 -7.09 8.86
C ASN B 258 -4.14 -6.84 7.46
N LEU B 259 -3.31 -5.84 7.26
CA LEU B 259 -2.74 -5.61 5.95
C LEU B 259 -1.97 -6.83 5.48
N LEU B 260 -1.07 -7.32 6.31
CA LEU B 260 -0.26 -8.49 5.92
C LEU B 260 -1.13 -9.73 5.72
N LYS B 261 -2.20 -9.93 6.50
CA LYS B 261 -3.13 -11.05 6.23
C LYS B 261 -3.80 -10.88 4.83
N MET B 262 -4.16 -9.66 4.48
CA MET B 262 -4.78 -9.35 3.19
C MET B 262 -3.79 -9.63 2.05
N ILE B 263 -2.54 -9.18 2.20
CA ILE B 263 -1.53 -9.44 1.15
C ILE B 263 -1.23 -10.95 1.00
N ARG B 264 -1.07 -11.64 2.12
CA ARG B 264 -0.77 -13.07 2.14
C ARG B 264 -1.84 -13.92 1.53
N HIS B 265 -3.12 -13.54 1.70
CA HIS B 265 -4.25 -14.26 1.09
C HIS B 265 -4.12 -14.13 -0.43
N THR B 266 -3.86 -12.93 -0.90
CA THR B 266 -3.70 -12.61 -2.34
C THR B 266 -2.62 -13.47 -2.98
N THR B 267 -1.44 -13.43 -2.37
CA THR B 267 -0.29 -14.20 -2.82
C THR B 267 -0.62 -15.69 -2.85
N ASN B 268 -1.22 -16.16 -1.79
CA ASN B 268 -1.61 -17.56 -1.67
C ASN B 268 -2.57 -18.01 -2.77
N LEU B 269 -3.56 -17.16 -3.14
CA LEU B 269 -4.51 -17.47 -4.19
C LEU B 269 -3.83 -17.49 -5.54
N THR B 270 -2.89 -16.56 -5.79
CA THR B 270 -2.12 -16.56 -7.06
C THR B 270 -1.34 -17.86 -7.14
N LEU B 271 -0.64 -18.25 -6.06
CA LEU B 271 0.13 -19.51 -6.08
C LEU B 271 -0.78 -20.77 -6.28
N TRP B 272 -1.96 -20.75 -5.68
CA TRP B 272 -2.93 -21.83 -5.83
C TRP B 272 -3.38 -21.97 -7.29
N PHE B 273 -3.64 -20.86 -7.98
CA PHE B 273 -4.01 -20.89 -9.40
C PHE B 273 -2.86 -21.44 -10.23
N GLU B 274 -1.62 -20.98 -9.98
CA GLU B 274 -0.45 -21.52 -10.68
C GLU B 274 -0.30 -23.02 -10.42
N LYS B 275 -0.45 -23.43 -9.17
CA LYS B 275 -0.33 -24.83 -8.78
C LYS B 275 -1.40 -25.72 -9.46
N CYS B 276 -2.66 -25.25 -9.51
CA CYS B 276 -3.76 -25.95 -10.19
C CYS B 276 -3.43 -26.20 -11.64
N ILE B 277 -2.82 -25.21 -12.27
CA ILE B 277 -2.46 -25.27 -13.69
C ILE B 277 -1.33 -26.26 -13.97
N VAL B 278 -0.19 -26.08 -13.34
CA VAL B 278 1.01 -26.86 -13.66
C VAL B 278 0.95 -28.28 -13.11
N GLU B 279 0.14 -28.52 -12.07
CA GLU B 279 -0.06 -29.88 -11.59
C GLU B 279 -1.11 -30.62 -12.39
N THR B 280 -1.75 -29.99 -13.38
CA THR B 280 -2.67 -30.66 -14.30
C THR B 280 -1.80 -30.96 -15.53
N GLU B 281 -1.21 -32.14 -15.56
CA GLU B 281 -0.23 -32.54 -16.57
C GLU B 281 -0.84 -32.87 -17.94
N ASN B 282 -2.05 -33.42 -17.94
CA ASN B 282 -2.77 -33.69 -19.18
C ASN B 282 -3.18 -32.35 -19.78
N LEU B 283 -2.81 -32.10 -21.06
CA LEU B 283 -3.06 -30.84 -21.75
C LEU B 283 -4.52 -30.45 -21.81
N GLU B 284 -5.42 -31.36 -22.19
CA GLU B 284 -6.86 -31.06 -22.28
C GLU B 284 -7.40 -30.64 -20.93
N GLU B 285 -7.04 -31.34 -19.87
CA GLU B 285 -7.48 -30.98 -18.54
C GLU B 285 -6.91 -29.64 -18.12
N ARG B 286 -5.63 -29.37 -18.47
CA ARG B 286 -4.99 -28.11 -18.13
C ARG B 286 -5.66 -26.95 -18.86
N VAL B 287 -6.11 -27.18 -20.11
CA VAL B 287 -6.86 -26.17 -20.86
C VAL B 287 -8.17 -25.87 -20.12
N ALA B 288 -8.86 -26.90 -19.60
CA ALA B 288 -10.11 -26.76 -18.80
C ALA B 288 -9.85 -25.98 -17.49
N VAL B 289 -8.72 -26.22 -16.85
CA VAL B 289 -8.29 -25.51 -15.64
C VAL B 289 -8.05 -24.01 -15.95
N VAL B 290 -7.25 -23.70 -16.95
CA VAL B 290 -6.95 -22.31 -17.32
C VAL B 290 -8.25 -21.55 -17.68
N SER B 291 -9.11 -22.21 -18.47
CA SER B 291 -10.39 -21.67 -18.94
C SER B 291 -11.32 -21.36 -17.76
N ARG B 292 -11.39 -22.30 -16.77
CA ARG B 292 -12.17 -22.09 -15.55
C ARG B 292 -11.68 -20.89 -14.73
N ILE B 293 -10.36 -20.68 -14.65
CA ILE B 293 -9.78 -19.55 -13.92
C ILE B 293 -10.11 -18.22 -14.61
N ILE B 294 -10.10 -18.20 -15.94
CA ILE B 294 -10.47 -16.99 -16.71
C ILE B 294 -11.99 -16.70 -16.50
N GLU B 295 -12.82 -17.73 -16.31
CA GLU B 295 -14.25 -17.54 -15.99
C GLU B 295 -14.40 -16.95 -14.61
N ILE B 296 -13.56 -17.38 -13.65
CA ILE B 296 -13.55 -16.80 -12.30
C ILE B 296 -13.16 -15.32 -12.39
N LEU B 297 -12.15 -15.01 -13.23
CA LEU B 297 -11.70 -13.64 -13.47
C LEU B 297 -12.86 -12.75 -14.00
N GLN B 298 -13.65 -13.28 -14.94
CA GLN B 298 -14.80 -12.58 -15.51
C GLN B 298 -15.79 -12.21 -14.42
N VAL B 299 -16.11 -13.14 -13.53
CA VAL B 299 -17.03 -12.85 -12.41
C VAL B 299 -16.39 -11.80 -11.48
N PHE B 300 -15.08 -11.94 -11.16
CA PHE B 300 -14.36 -10.91 -10.38
C PHE B 300 -14.50 -9.56 -11.03
N GLN B 301 -14.33 -9.45 -12.34
CA GLN B 301 -14.47 -8.17 -13.08
C GLN B 301 -15.89 -7.58 -12.88
N GLU B 302 -16.92 -8.41 -12.96
CA GLU B 302 -18.32 -8.01 -12.80
C GLU B 302 -18.65 -7.58 -11.38
N LEU B 303 -17.96 -8.16 -10.39
CA LEU B 303 -18.14 -7.79 -8.98
C LEU B 303 -17.27 -6.59 -8.58
N ASN B 304 -16.45 -6.09 -9.47
CA ASN B 304 -15.44 -5.04 -9.22
C ASN B 304 -14.43 -5.45 -8.13
N ASN B 305 -14.08 -6.75 -8.09
CA ASN B 305 -13.08 -7.24 -7.17
C ASN B 305 -11.74 -7.15 -7.92
N PHE B 306 -11.08 -5.99 -7.84
CA PHE B 306 -9.83 -5.77 -8.59
C PHE B 306 -8.70 -6.56 -8.00
N ASN B 307 -8.73 -6.79 -6.70
CA ASN B 307 -7.75 -7.63 -6.05
C ASN B 307 -7.79 -9.03 -6.67
N GLY B 308 -8.98 -9.61 -6.80
CA GLY B 308 -9.22 -10.92 -7.41
C GLY B 308 -8.82 -10.97 -8.88
N VAL B 309 -9.15 -9.92 -9.62
CA VAL B 309 -8.72 -9.81 -11.03
C VAL B 309 -7.17 -9.91 -11.11
N LEU B 310 -6.49 -9.12 -10.28
CA LEU B 310 -5.04 -9.11 -10.32
C LEU B 310 -4.40 -10.39 -9.76
N GLU B 311 -5.09 -11.15 -8.84
CA GLU B 311 -4.63 -12.47 -8.39
C GLU B 311 -4.52 -13.41 -9.57
N VAL B 312 -5.55 -13.40 -10.43
CA VAL B 312 -5.61 -14.24 -11.64
C VAL B 312 -4.58 -13.78 -12.64
N VAL B 313 -4.49 -12.48 -12.91
CA VAL B 313 -3.52 -11.94 -13.86
C VAL B 313 -2.08 -12.27 -13.44
N SER B 314 -1.77 -12.15 -12.15
CA SER B 314 -0.43 -12.49 -11.65
C SER B 314 -0.11 -13.96 -11.88
N ALA B 315 -1.09 -14.87 -11.69
CA ALA B 315 -0.88 -16.27 -11.95
C ALA B 315 -0.64 -16.54 -13.43
N MET B 316 -1.37 -15.85 -14.33
CA MET B 316 -1.18 -16.06 -15.77
C MET B 316 0.14 -15.51 -16.24
N ASN B 317 0.62 -14.46 -15.58
CA ASN B 317 1.88 -13.81 -15.94
C ASN B 317 3.09 -14.40 -15.24
N SER B 318 2.88 -15.37 -14.37
CA SER B 318 3.96 -16.03 -13.67
C SER B 318 4.80 -16.88 -14.66
N SER B 319 6.06 -17.03 -14.35
CA SER B 319 7.04 -17.80 -15.11
C SER B 319 6.56 -19.20 -15.48
N PRO B 320 6.04 -19.99 -14.53
CA PRO B 320 5.57 -21.33 -14.89
C PRO B 320 4.40 -21.36 -15.89
N VAL B 321 3.47 -20.40 -15.78
CA VAL B 321 2.23 -20.39 -16.58
C VAL B 321 2.37 -19.65 -17.88
N TYR B 322 3.04 -18.49 -17.86
CA TYR B 322 3.21 -17.64 -19.04
C TYR B 322 3.77 -18.37 -20.24
N ARG B 323 4.69 -19.34 -20.00
CA ARG B 323 5.35 -20.14 -21.03
C ARG B 323 4.56 -21.34 -21.57
N LEU B 324 3.31 -21.59 -21.09
CA LEU B 324 2.54 -22.75 -21.52
C LEU B 324 1.82 -22.50 -22.85
N ASP B 325 2.59 -22.33 -23.93
CA ASP B 325 2.09 -22.04 -25.28
C ASP B 325 1.08 -23.04 -25.81
N HIS B 326 1.26 -24.35 -25.55
CA HIS B 326 0.31 -25.37 -26.02
C HIS B 326 -1.04 -25.26 -25.33
N THR B 327 -1.05 -24.77 -24.07
CA THR B 327 -2.28 -24.59 -23.29
C THR B 327 -3.04 -23.37 -23.78
N PHE B 328 -2.34 -22.24 -23.91
CA PHE B 328 -2.94 -20.98 -24.32
C PHE B 328 -3.41 -21.00 -25.79
N GLU B 329 -2.80 -21.84 -26.65
CA GLU B 329 -3.20 -22.03 -28.06
C GLU B 329 -4.64 -22.55 -28.14
N GLN B 330 -4.99 -23.46 -27.23
CA GLN B 330 -6.31 -24.09 -27.16
C GLN B 330 -7.37 -23.26 -26.42
N ILE B 331 -7.03 -22.09 -25.86
CA ILE B 331 -8.03 -21.28 -25.12
C ILE B 331 -8.97 -20.55 -26.08
N PRO B 332 -10.30 -20.65 -25.93
CA PRO B 332 -11.21 -19.93 -26.84
C PRO B 332 -10.92 -18.43 -26.87
N SER B 333 -11.10 -17.82 -28.05
CA SER B 333 -10.83 -16.39 -28.32
C SER B 333 -11.46 -15.40 -27.34
N ARG B 334 -12.71 -15.66 -26.99
CA ARG B 334 -13.45 -14.81 -26.05
C ARG B 334 -12.67 -14.72 -24.71
N GLN B 335 -12.21 -15.86 -24.19
CA GLN B 335 -11.44 -15.93 -22.93
C GLN B 335 -10.05 -15.33 -23.07
N LYS B 336 -9.39 -15.51 -24.21
CA LYS B 336 -8.10 -14.83 -24.44
C LYS B 336 -8.27 -13.29 -24.32
N LYS B 337 -9.37 -12.75 -24.88
CA LYS B 337 -9.66 -11.31 -24.90
C LYS B 337 -10.06 -10.84 -23.51
N ILE B 338 -10.78 -11.64 -22.76
CA ILE B 338 -11.09 -11.29 -21.39
C ILE B 338 -9.79 -11.11 -20.57
N LEU B 339 -8.87 -12.07 -20.74
CA LEU B 339 -7.60 -12.07 -20.00
C LEU B 339 -6.73 -10.93 -20.45
N GLU B 340 -6.72 -10.65 -21.76
CA GLU B 340 -5.93 -9.56 -22.30
C GLU B 340 -6.39 -8.20 -21.80
N GLU B 341 -7.71 -7.95 -21.70
CA GLU B 341 -8.19 -6.68 -21.16
C GLU B 341 -7.83 -6.59 -19.68
N ALA B 342 -7.92 -7.71 -18.95
CA ALA B 342 -7.53 -7.72 -17.54
C ALA B 342 -6.01 -7.42 -17.36
N HIS B 343 -5.15 -7.99 -18.23
CA HIS B 343 -3.69 -7.77 -18.24
C HIS B 343 -3.36 -6.28 -18.47
N GLU B 344 -4.14 -5.63 -19.33
CA GLU B 344 -3.98 -4.23 -19.67
C GLU B 344 -4.20 -3.27 -18.50
N LEU B 345 -5.00 -3.66 -17.50
CA LEU B 345 -5.28 -2.82 -16.32
C LEU B 345 -4.00 -2.42 -15.56
N SER B 346 -3.01 -3.32 -15.50
CA SER B 346 -1.76 -3.07 -14.76
C SER B 346 -0.66 -2.35 -15.58
N GLU B 347 -0.71 -2.43 -16.91
CA GLU B 347 0.28 -1.79 -17.76
C GLU B 347 0.41 -0.28 -17.54
N ASP B 348 1.60 0.27 -17.83
CA ASP B 348 1.86 1.71 -17.76
C ASP B 348 1.50 2.27 -16.38
N HIS B 349 2.08 1.67 -15.36
CA HIS B 349 1.89 2.07 -13.96
C HIS B 349 0.43 2.08 -13.52
N TYR B 350 -0.32 1.03 -13.88
CA TYR B 350 -1.72 0.85 -13.52
C TYR B 350 -2.65 1.94 -14.06
N LYS B 351 -2.31 2.57 -15.19
CA LYS B 351 -3.12 3.64 -15.79
C LYS B 351 -4.61 3.24 -16.01
N LYS B 352 -4.86 2.13 -16.70
CA LYS B 352 -6.23 1.65 -16.92
C LYS B 352 -6.92 1.20 -15.65
N TYR B 353 -6.20 0.56 -14.70
CA TYR B 353 -6.79 0.17 -13.45
C TYR B 353 -7.31 1.40 -12.68
N LEU B 354 -6.51 2.42 -12.61
CA LEU B 354 -6.85 3.64 -11.86
C LEU B 354 -8.09 4.35 -12.41
N ALA B 355 -8.13 4.50 -13.75
CA ALA B 355 -9.26 5.09 -14.47
C ALA B 355 -10.51 4.29 -14.18
N LYS B 356 -10.40 2.95 -14.23
CA LYS B 356 -11.54 2.07 -13.95
C LYS B 356 -12.02 2.14 -12.49
N LEU B 357 -11.10 2.06 -11.49
CA LEU B 357 -11.47 2.17 -10.07
C LEU B 357 -12.21 3.52 -9.86
N ARG B 358 -11.70 4.62 -10.41
CA ARG B 358 -12.38 5.92 -10.35
C ARG B 358 -13.78 5.94 -10.97
N SER B 359 -14.00 5.17 -12.06
CA SER B 359 -15.27 5.16 -12.79
C SER B 359 -16.36 4.35 -12.14
N ILE B 360 -16.02 3.44 -11.21
CA ILE B 360 -17.03 2.56 -10.61
C ILE B 360 -17.43 3.12 -9.25
N ASN B 361 -18.50 2.56 -8.71
CA ASN B 361 -18.97 2.93 -7.37
C ASN B 361 -18.94 1.68 -6.54
N PRO B 362 -18.83 1.82 -5.21
CA PRO B 362 -18.88 0.63 -4.33
C PRO B 362 -20.15 -0.24 -4.53
N PRO B 363 -20.15 -1.53 -4.13
CA PRO B 363 -19.05 -2.28 -3.53
C PRO B 363 -17.94 -2.65 -4.50
N CYS B 364 -16.71 -2.60 -4.01
CA CYS B 364 -15.55 -3.00 -4.80
C CYS B 364 -14.42 -3.43 -3.87
N VAL B 365 -13.44 -4.14 -4.44
CA VAL B 365 -12.25 -4.55 -3.71
C VAL B 365 -11.07 -4.01 -4.48
N PRO B 366 -10.60 -2.82 -4.06
CA PRO B 366 -9.40 -2.24 -4.71
C PRO B 366 -8.12 -3.09 -4.51
N PHE B 367 -7.13 -2.87 -5.37
CA PHE B 367 -5.78 -3.44 -5.24
C PHE B 367 -5.05 -2.54 -4.26
N PHE B 368 -4.65 -3.09 -3.13
CA PHE B 368 -4.02 -2.29 -2.08
C PHE B 368 -2.61 -1.79 -2.39
N GLY B 369 -1.86 -2.54 -3.21
CA GLY B 369 -0.47 -2.25 -3.49
C GLY B 369 -0.15 -0.84 -3.92
N ILE B 370 -0.99 -0.25 -4.76
CA ILE B 370 -0.79 1.12 -5.22
C ILE B 370 -0.74 2.12 -4.07
N TYR B 371 -1.66 1.99 -3.13
CA TYR B 371 -1.70 2.87 -1.95
C TYR B 371 -0.46 2.74 -1.11
N LEU B 372 0.07 1.52 -0.95
CA LEU B 372 1.28 1.22 -0.16
C LEU B 372 2.47 1.96 -0.75
N THR B 373 2.67 1.84 -2.05
CA THR B 373 3.76 2.58 -2.70
C THR B 373 3.61 4.10 -2.57
N ASN B 374 2.39 4.61 -2.72
CA ASN B 374 2.12 6.05 -2.65
C ASN B 374 2.30 6.60 -1.26
N ILE B 375 1.85 5.85 -0.24
CA ILE B 375 2.10 6.28 1.13
C ILE B 375 3.62 6.29 1.39
N LEU B 376 4.32 5.18 1.06
CA LEU B 376 5.75 5.03 1.31
C LEU B 376 6.51 6.09 0.57
N LYS B 377 6.28 6.26 -0.73
CA LYS B 377 7.03 7.28 -1.48
C LYS B 377 6.75 8.71 -1.02
N THR B 378 5.52 8.98 -0.54
CA THR B 378 5.14 10.31 0.00
C THR B 378 5.94 10.57 1.29
N GLU B 379 6.04 9.56 2.16
CA GLU B 379 6.77 9.71 3.41
C GLU B 379 8.27 9.80 3.24
N GLU B 380 8.82 9.05 2.30
CA GLU B 380 10.26 9.03 2.04
C GLU B 380 10.71 10.15 1.09
N GLY B 381 9.82 10.63 0.22
CA GLY B 381 10.16 11.69 -0.71
C GLY B 381 9.95 13.13 -0.25
N ASN B 382 9.46 13.34 0.97
CA ASN B 382 9.16 14.70 1.46
C ASN B 382 9.74 14.84 2.83
N PRO B 383 10.25 16.02 3.17
CA PRO B 383 10.92 16.17 4.47
C PRO B 383 9.97 16.27 5.64
N GLU B 384 10.41 15.74 6.78
CA GLU B 384 9.64 15.76 8.02
C GLU B 384 9.46 17.20 8.56
N VAL B 385 10.46 18.04 8.28
CA VAL B 385 10.55 19.40 8.78
C VAL B 385 10.90 20.35 7.63
N LEU B 386 10.39 21.57 7.72
CA LEU B 386 10.69 22.69 6.84
C LEU B 386 11.43 23.70 7.73
N LYS B 387 12.35 24.46 7.15
CA LYS B 387 13.06 25.48 7.90
C LYS B 387 12.74 26.84 7.30
N ARG B 388 12.35 27.77 8.17
CA ARG B 388 12.06 29.15 7.81
C ARG B 388 12.78 30.02 8.83
N HIS B 389 13.73 30.87 8.39
CA HIS B 389 14.53 31.74 9.26
C HIS B 389 15.26 30.98 10.37
N GLY B 390 15.78 29.79 10.04
CA GLY B 390 16.50 28.94 10.96
C GLY B 390 15.66 28.14 11.94
N LYS B 391 14.34 28.32 11.95
CA LYS B 391 13.44 27.62 12.87
C LYS B 391 12.81 26.38 12.21
N GLU B 392 12.71 25.26 12.95
CA GLU B 392 12.10 24.03 12.44
C GLU B 392 10.57 24.09 12.51
N LEU B 393 9.90 23.85 11.37
CA LEU B 393 8.45 23.76 11.30
C LEU B 393 8.07 22.36 10.87
N ILE B 394 7.08 21.75 11.56
CA ILE B 394 6.60 20.42 11.18
C ILE B 394 5.96 20.56 9.81
N ASN B 395 6.37 19.75 8.80
CA ASN B 395 5.78 19.76 7.46
C ASN B 395 4.40 19.03 7.55
N PHE B 396 3.30 19.79 7.69
CA PHE B 396 1.97 19.21 7.83
C PHE B 396 1.40 18.73 6.51
N SER B 397 1.70 19.42 5.42
CA SER B 397 1.26 19.09 4.07
C SER B 397 1.60 17.67 3.62
N LYS B 398 2.77 17.20 4.01
CA LYS B 398 3.23 15.83 3.80
C LYS B 398 2.24 14.87 4.50
N ARG B 399 1.91 15.17 5.77
CA ARG B 399 0.96 14.40 6.56
C ARG B 399 -0.43 14.39 5.94
N ARG B 400 -0.91 15.53 5.45
CA ARG B 400 -2.18 15.66 4.73
C ARG B 400 -2.21 14.78 3.48
N LYS B 401 -1.13 14.74 2.72
CA LYS B 401 -1.04 13.87 1.54
C LYS B 401 -1.21 12.42 1.96
N VAL B 402 -0.60 12.01 3.10
CA VAL B 402 -0.75 10.63 3.60
C VAL B 402 -2.18 10.41 3.99
N ALA B 403 -2.79 11.36 4.74
CA ALA B 403 -4.20 11.24 5.18
C ALA B 403 -5.20 11.19 4.01
N GLU B 404 -4.86 11.81 2.88
CA GLU B 404 -5.71 11.75 1.69
C GLU B 404 -5.68 10.35 1.09
N ILE B 405 -4.52 9.65 1.14
CA ILE B 405 -4.46 8.29 0.62
C ILE B 405 -5.25 7.35 1.55
N THR B 406 -5.12 7.52 2.89
CA THR B 406 -5.84 6.67 3.84
C THR B 406 -7.35 6.97 3.77
N GLY B 407 -7.75 8.20 3.44
CA GLY B 407 -9.15 8.54 3.27
C GLY B 407 -9.74 7.86 2.05
N GLU B 408 -9.01 7.82 0.95
CA GLU B 408 -9.41 7.11 -0.28
C GLU B 408 -9.61 5.60 -0.03
N ILE B 409 -8.71 4.99 0.77
CA ILE B 409 -8.83 3.58 1.16
C ILE B 409 -10.14 3.38 1.89
N GLN B 410 -10.41 4.25 2.90
CA GLN B 410 -11.61 4.20 3.74
C GLN B 410 -12.92 4.36 2.96
N GLN B 411 -12.92 5.15 1.88
CA GLN B 411 -14.10 5.32 1.05
C GLN B 411 -14.63 4.02 0.48
N TYR B 412 -13.73 3.04 0.21
CA TYR B 412 -14.11 1.75 -0.35
C TYR B 412 -14.40 0.71 0.69
N GLN B 413 -14.24 1.00 1.98
CA GLN B 413 -14.47 0.02 3.04
C GLN B 413 -15.86 0.11 3.66
N ASN B 414 -16.68 1.03 3.19
CA ASN B 414 -18.00 1.31 3.78
C ASN B 414 -19.12 0.41 3.26
N GLN B 415 -19.16 0.18 1.95
CA GLN B 415 -20.24 -0.54 1.29
C GLN B 415 -19.97 -2.03 1.18
N PRO B 416 -20.80 -2.89 1.81
CA PRO B 416 -20.62 -4.34 1.66
C PRO B 416 -21.26 -4.89 0.39
N TYR B 417 -20.97 -6.16 0.11
CA TYR B 417 -21.53 -6.88 -1.04
C TYR B 417 -22.84 -7.54 -0.66
N CYS B 418 -23.80 -7.55 -1.59
CA CYS B 418 -25.07 -8.23 -1.35
C CYS B 418 -24.93 -9.66 -1.86
N LEU B 419 -24.17 -10.48 -1.12
CA LEU B 419 -23.88 -11.89 -1.48
C LEU B 419 -23.91 -12.67 -0.20
N ARG B 420 -24.48 -13.89 -0.23
CA ARG B 420 -24.56 -14.71 0.97
C ARG B 420 -23.26 -15.49 1.15
N VAL B 421 -22.87 -15.71 2.40
CA VAL B 421 -21.70 -16.48 2.78
C VAL B 421 -22.12 -17.93 2.78
N GLU B 422 -21.28 -18.78 2.18
CA GLU B 422 -21.39 -20.23 2.18
C GLU B 422 -20.19 -20.59 3.05
N SER B 423 -20.47 -20.89 4.33
CA SER B 423 -19.46 -21.20 5.36
C SER B 423 -18.40 -22.21 5.00
N ASP B 424 -18.77 -23.25 4.26
CA ASP B 424 -17.85 -24.32 3.88
C ASP B 424 -16.93 -23.94 2.75
N ILE B 425 -17.44 -23.21 1.75
CA ILE B 425 -16.61 -22.73 0.63
C ILE B 425 -15.62 -21.69 1.20
N LYS B 426 -16.11 -20.80 2.07
CA LYS B 426 -15.31 -19.78 2.73
C LYS B 426 -14.12 -20.44 3.44
N ARG B 427 -14.43 -21.41 4.29
CA ARG B 427 -13.43 -22.16 5.06
C ARG B 427 -12.44 -22.88 4.14
N PHE B 428 -12.91 -23.38 3.01
CA PHE B 428 -12.04 -24.00 1.99
C PHE B 428 -10.99 -22.97 1.46
N PHE B 429 -11.42 -21.75 1.13
CA PHE B 429 -10.53 -20.72 0.64
C PHE B 429 -9.62 -20.13 1.72
N GLU B 430 -10.12 -20.00 2.94
CA GLU B 430 -9.33 -19.52 4.08
C GLU B 430 -8.22 -20.49 4.42
N ASN B 431 -8.47 -21.80 4.33
CA ASN B 431 -7.47 -22.81 4.68
C ASN B 431 -6.58 -23.25 3.50
N LEU B 432 -6.71 -22.68 2.28
CA LEU B 432 -5.83 -23.08 1.17
C LEU B 432 -4.37 -22.83 1.58
N ASN B 433 -3.49 -23.76 1.24
CA ASN B 433 -2.08 -23.64 1.55
C ASN B 433 -1.27 -24.32 0.45
N PRO B 434 -1.21 -23.73 -0.77
CA PRO B 434 -0.50 -24.39 -1.88
C PRO B 434 0.94 -24.75 -1.60
N MET B 435 1.68 -23.90 -0.86
CA MET B 435 3.08 -24.13 -0.53
C MET B 435 3.30 -25.28 0.44
N GLY B 436 2.31 -25.65 1.24
CA GLY B 436 2.48 -26.69 2.26
C GLY B 436 3.55 -26.25 3.27
N ASN B 437 4.57 -27.11 3.48
CA ASN B 437 5.71 -26.86 4.37
C ASN B 437 6.92 -26.34 3.66
N SER B 438 6.87 -26.23 2.33
CA SER B 438 7.98 -25.70 1.56
C SER B 438 8.20 -24.22 1.76
N MET B 439 9.43 -23.79 1.63
CA MET B 439 9.83 -22.40 1.63
C MET B 439 9.53 -21.85 0.22
N GLU B 440 9.50 -20.51 0.08
CA GLU B 440 9.18 -19.79 -1.17
C GLU B 440 10.02 -20.22 -2.37
N LYS B 441 11.33 -20.28 -2.22
CA LYS B 441 12.21 -20.64 -3.34
C LYS B 441 11.96 -22.08 -3.83
N GLU B 442 11.96 -23.02 -2.90
CA GLU B 442 11.72 -24.45 -3.11
C GLU B 442 10.35 -24.65 -3.87
N PHE B 443 9.34 -23.93 -3.43
CA PHE B 443 8.02 -24.06 -4.03
C PHE B 443 7.92 -23.43 -5.44
N THR B 444 8.50 -22.28 -5.64
CA THR B 444 8.38 -21.66 -6.97
C THR B 444 9.31 -22.41 -7.93
N ASP B 445 10.42 -23.01 -7.40
CA ASP B 445 11.27 -23.88 -8.22
C ASP B 445 10.50 -25.14 -8.58
N TYR B 446 9.71 -25.70 -7.68
CA TYR B 446 8.84 -26.85 -7.97
C TYR B 446 7.81 -26.51 -9.10
N LEU B 447 7.15 -25.32 -9.03
CA LEU B 447 6.18 -24.91 -10.05
C LEU B 447 6.82 -24.79 -11.43
N PHE B 448 8.00 -24.17 -11.51
CA PHE B 448 8.71 -23.97 -12.75
C PHE B 448 9.17 -25.30 -13.36
N ASN B 449 9.75 -26.18 -12.54
CA ASN B 449 10.17 -27.50 -13.03
C ASN B 449 8.97 -28.35 -13.44
N LYS B 450 7.81 -28.15 -12.84
CA LYS B 450 6.58 -28.83 -13.25
C LYS B 450 6.17 -28.30 -14.65
N SER B 451 6.25 -26.99 -14.85
CA SER B 451 5.93 -26.34 -16.12
C SER B 451 6.83 -26.93 -17.25
N LEU B 452 8.14 -27.04 -16.98
CA LEU B 452 9.12 -27.60 -17.91
C LEU B 452 8.82 -29.05 -18.22
N GLU B 453 8.37 -29.82 -17.23
CA GLU B 453 8.01 -31.22 -17.46
C GLU B 453 6.77 -31.34 -18.38
N ILE B 454 5.72 -30.59 -18.09
CA ILE B 454 4.45 -30.71 -18.83
C ILE B 454 4.52 -30.13 -20.24
N GLU B 455 5.34 -29.12 -20.47
CA GLU B 455 5.56 -28.50 -21.79
C GLU B 455 7.05 -28.18 -21.93
N PRO B 456 7.86 -29.17 -22.32
CA PRO B 456 9.32 -28.96 -22.42
C PRO B 456 9.78 -27.83 -23.33
N ARG B 457 10.96 -27.25 -23.07
CA ARG B 457 11.48 -26.17 -23.94
C ARG B 457 11.74 -26.75 -25.32
N ASN B 458 11.58 -25.96 -26.35
CA ASN B 458 11.88 -26.45 -27.71
C ASN B 458 13.39 -26.81 -27.80
N PRO B 459 13.80 -27.83 -28.59
CA PRO B 459 13.01 -28.65 -29.53
C PRO B 459 12.54 -29.99 -28.94
N LYS B 460 12.48 -30.12 -27.58
CA LYS B 460 12.01 -31.36 -26.97
C LYS B 460 10.54 -31.59 -27.38
N PRO B 461 10.12 -32.82 -27.73
CA PRO B 461 8.72 -33.01 -28.18
C PRO B 461 7.74 -32.94 -27.02
N LEU B 462 6.48 -32.61 -27.33
CA LEU B 462 5.46 -32.50 -26.29
C LEU B 462 5.04 -33.89 -25.79
N PRO B 463 5.25 -34.26 -24.51
CA PRO B 463 4.80 -35.58 -24.06
C PRO B 463 3.29 -35.57 -23.83
N ARG B 464 2.71 -36.76 -23.64
CA ARG B 464 1.32 -36.89 -23.25
C ARG B 464 1.35 -37.36 -21.81
N PHE B 465 0.32 -37.03 -21.06
CA PHE B 465 0.18 -37.42 -19.66
C PHE B 465 -1.22 -37.94 -19.42
N PRO B 466 -1.38 -38.91 -18.50
CA PRO B 466 -2.72 -39.42 -18.23
C PRO B 466 -3.61 -38.40 -17.54
N LYS B 467 -4.91 -38.58 -17.68
CA LYS B 467 -5.91 -37.71 -17.06
C LYS B 467 -5.94 -38.03 -15.56
N LYS B 468 -6.20 -37.00 -14.75
CA LYS B 468 -6.28 -37.08 -13.29
C LYS B 468 -7.70 -36.82 -12.76
N TYR B 469 -8.62 -36.21 -13.57
CA TYR B 469 -9.97 -35.86 -13.13
C TYR B 469 -10.97 -36.90 -13.66
N SER B 470 -11.70 -37.56 -12.74
CA SER B 470 -12.71 -38.60 -13.07
C SER B 470 -14.09 -38.01 -13.38
N TYR B 471 -14.31 -36.73 -13.05
CA TYR B 471 -15.56 -36.01 -13.27
C TYR B 471 -15.49 -35.21 -14.59
N PRO B 472 -16.63 -34.68 -15.10
CA PRO B 472 -16.56 -33.93 -16.38
C PRO B 472 -15.89 -32.57 -16.24
N LEU B 473 -15.18 -32.16 -17.28
CA LEU B 473 -14.41 -30.92 -17.36
C LEU B 473 -15.21 -29.76 -17.86
N LYS B 474 -16.44 -30.03 -18.37
CA LYS B 474 -17.28 -28.98 -18.94
C LYS B 474 -17.74 -28.00 -17.87
N SER B 475 -17.54 -26.72 -18.11
CA SER B 475 -17.91 -25.67 -17.17
C SER B 475 -19.41 -25.41 -17.26
N PRO B 476 -20.07 -25.07 -16.12
CA PRO B 476 -21.48 -24.64 -16.20
C PRO B 476 -21.66 -23.21 -16.68
N GLY B 477 -20.55 -22.49 -16.92
CA GLY B 477 -20.58 -21.10 -17.37
C GLY B 477 -20.71 -20.16 -16.20
N VAL B 478 -20.71 -18.84 -16.49
CA VAL B 478 -20.78 -17.81 -15.46
C VAL B 478 -22.12 -17.04 -15.42
N ARG B 479 -23.13 -17.54 -16.12
CA ARG B 479 -24.47 -16.93 -16.08
C ARG B 479 -25.22 -17.63 -14.93
N PRO B 480 -25.81 -16.87 -13.98
CA PRO B 480 -26.53 -17.53 -12.86
C PRO B 480 -27.59 -18.56 -13.31
N SER B 481 -27.60 -19.73 -12.66
CA SER B 481 -28.46 -20.87 -13.02
C SER B 481 -29.94 -20.72 -12.69
N ASN B 482 -30.33 -19.77 -11.80
CA ASN B 482 -31.74 -19.57 -11.43
C ASN B 482 -32.04 -18.06 -11.32
N PRO B 483 -33.34 -17.65 -11.38
CA PRO B 483 -33.67 -16.21 -11.23
C PRO B 483 -33.34 -15.67 -9.82
#